data_5YK6
#
_entry.id   5YK6
#
_cell.length_a   125.504
_cell.length_b   125.504
_cell.length_c   60.875
_cell.angle_alpha   90.00
_cell.angle_beta   90.00
_cell.angle_gamma   120.00
#
_symmetry.space_group_name_H-M   'P 32 2 1'
#
loop_
_entity.id
_entity.type
_entity.pdbx_description
1 polymer 'Maintenance of mitochondrial morphology protein 1'
2 non-polymer 1,2-DIACYL-GLYCEROL-3-SN-PHOSPHATE
3 water water
#
_entity_poly.entity_id   1
_entity_poly.type   'polypeptide(L)'
_entity_poly.pdbx_seq_one_letter_code
;NDDENERSRQIDDILEKTYYNVDTHPAESLDWFNVLIGQTIQQLREEAWKKDNIVYSLNAFIERKAQELPSYLDSIKITE
LDIGHDFPIFSNCRIQYSPNSNGRKLEAKIDIDLNDRLAVGIETRLLLNYPKPLTASLPINVTVSIIRFQACLTVSLTKA
EEFVPTSPESVDEDDNDGYFLMFSFAPEYRMEFETQSLIGARSKLENIPKIGSLVEYQIKKWFVERCVEPRFQFIKLPSV
WPRSKNTREGKADVD
;
_entity_poly.pdbx_strand_id   A
#
loop_
_chem_comp.id
_chem_comp.type
_chem_comp.name
_chem_comp.formula
3PH non-polymer 1,2-DIACYL-GLYCEROL-3-SN-PHOSPHATE 'C39 H77 O8 P'
#
# COMPACT_ATOMS: atom_id res chain seq x y z
N ASN A 5 15.30 31.46 8.52
CA ASN A 5 16.56 32.07 8.10
C ASN A 5 17.64 31.03 7.85
N GLU A 6 18.17 30.46 8.93
CA GLU A 6 19.22 29.45 8.82
C GLU A 6 19.00 28.32 9.82
N ARG A 7 17.81 27.75 9.82
CA ARG A 7 17.49 26.71 10.78
C ARG A 7 18.46 25.56 10.56
N SER A 8 18.80 25.32 9.30
CA SER A 8 19.58 24.14 8.93
C SER A 8 20.79 23.96 9.82
N ARG A 9 21.43 25.05 10.21
CA ARG A 9 22.57 24.97 11.12
C ARG A 9 22.08 24.30 12.39
N GLN A 10 20.88 24.67 12.81
CA GLN A 10 20.20 23.98 13.90
C GLN A 10 20.01 22.52 13.50
N ILE A 11 19.72 22.33 12.21
CA ILE A 11 19.49 21.00 11.67
C ILE A 11 20.74 20.11 11.80
N ASP A 12 21.92 20.67 11.57
CA ASP A 12 23.14 19.87 11.67
C ASP A 12 23.39 19.33 13.09
N ASP A 13 23.14 20.18 14.09
CA ASP A 13 23.25 19.90 15.49
C ASP A 13 22.84 18.44 15.65
N ILE A 14 21.69 18.12 15.08
CA ILE A 14 21.21 16.76 15.09
C ILE A 14 22.27 15.81 14.57
N LEU A 15 22.64 15.99 13.30
CA LEU A 15 23.61 15.11 12.65
C LEU A 15 24.90 15.00 13.47
N GLU A 16 25.33 16.10 14.08
CA GLU A 16 26.61 16.08 14.78
C GLU A 16 26.45 15.29 16.08
N LYS A 17 25.28 15.42 16.70
CA LYS A 17 25.07 14.80 18.00
C LYS A 17 24.58 13.36 17.90
N THR A 18 24.31 12.88 16.69
CA THR A 18 23.87 11.49 16.49
C THR A 18 24.87 10.68 15.69
N TYR A 19 26.05 11.25 15.48
CA TYR A 19 27.16 10.60 14.76
C TYR A 19 26.72 10.12 13.38
N TYR A 20 25.97 10.96 12.69
CA TYR A 20 25.54 10.64 11.33
C TYR A 20 26.16 11.63 10.35
N ASN A 21 27.17 11.19 9.59
CA ASN A 21 27.77 12.08 8.60
C ASN A 21 26.74 12.46 7.56
N VAL A 22 25.94 11.48 7.15
CA VAL A 22 24.83 11.68 6.23
C VAL A 22 25.28 11.55 4.78
N ASP A 23 26.59 11.48 4.58
CA ASP A 23 27.15 11.18 3.27
C ASP A 23 28.06 9.96 3.38
N THR A 24 29.05 10.08 4.26
CA THR A 24 29.98 8.99 4.54
C THR A 24 29.28 7.79 5.17
N HIS A 25 28.35 8.07 6.09
CA HIS A 25 27.69 7.01 6.84
C HIS A 25 27.14 5.96 5.87
N PRO A 26 27.39 4.67 6.18
CA PRO A 26 26.85 3.58 5.37
C PRO A 26 25.37 3.33 5.63
N ALA A 27 24.73 2.58 4.73
CA ALA A 27 23.35 2.16 4.90
C ALA A 27 23.23 1.13 6.03
N GLU A 28 22.03 0.97 6.60
CA GLU A 28 21.86 0.08 7.74
C GLU A 28 20.80 -1.00 7.47
N SER A 29 21.00 -2.16 8.08
CA SER A 29 20.37 -3.41 7.61
C SER A 29 18.87 -3.54 7.91
N LEU A 30 18.43 -2.98 9.04
CA LEU A 30 16.99 -2.95 9.37
C LEU A 30 16.31 -4.31 9.63
N ASP A 31 17.09 -5.38 9.82
CA ASP A 31 16.49 -6.72 9.86
C ASP A 31 15.55 -6.95 11.05
N TRP A 32 15.90 -6.43 12.22
CA TRP A 32 15.05 -6.51 13.39
C TRP A 32 13.63 -5.98 13.10
N PHE A 33 13.55 -4.95 12.26
CA PHE A 33 12.28 -4.33 11.88
C PHE A 33 11.48 -5.27 10.98
N ASN A 34 12.17 -5.86 10.01
CA ASN A 34 11.58 -6.93 9.20
C ASN A 34 10.92 -7.98 10.09
N VAL A 35 11.61 -8.32 11.17
CA VAL A 35 11.10 -9.35 12.07
C VAL A 35 9.89 -8.87 12.87
N LEU A 36 9.98 -7.69 13.49
CA LEU A 36 8.87 -7.19 14.30
C LEU A 36 7.60 -6.98 13.46
N ILE A 37 7.78 -6.37 12.29
CA ILE A 37 6.67 -6.17 11.36
C ILE A 37 6.13 -7.51 10.86
N GLY A 38 7.03 -8.45 10.58
CA GLY A 38 6.60 -9.77 10.19
C GLY A 38 5.74 -10.43 11.27
N GLN A 39 6.12 -10.20 12.52
CA GLN A 39 5.36 -10.75 13.63
C GLN A 39 3.97 -10.17 13.66
N THR A 40 3.86 -8.84 13.51
CA THR A 40 2.54 -8.25 13.54
C THR A 40 1.72 -8.73 12.34
N ILE A 41 2.37 -8.91 11.20
CA ILE A 41 1.67 -9.32 9.99
C ILE A 41 1.15 -10.76 10.11
N GLN A 42 1.91 -11.62 10.77
CA GLN A 42 1.42 -12.97 11.01
C GLN A 42 0.27 -12.96 12.02
N GLN A 43 0.37 -12.11 13.05
CA GLN A 43 -0.75 -11.93 13.98
C GLN A 43 -1.99 -11.46 13.23
N LEU A 44 -1.81 -10.46 12.39
CA LEU A 44 -2.89 -9.90 11.60
C LEU A 44 -3.49 -11.02 10.77
N ARG A 45 -2.66 -11.89 10.19
CA ARG A 45 -3.17 -12.98 9.35
C ARG A 45 -3.80 -14.15 10.09
N GLU A 46 -3.56 -14.29 11.39
CA GLU A 46 -4.07 -15.46 12.09
C GLU A 46 -5.51 -15.27 12.56
N GLU A 47 -6.06 -14.07 12.40
CA GLU A 47 -7.48 -13.91 12.65
C GLU A 47 -8.22 -14.28 11.36
N ALA A 48 -8.83 -15.46 11.35
CA ALA A 48 -9.45 -16.01 10.17
C ALA A 48 -10.66 -15.23 9.63
N TRP A 49 -11.48 -14.76 10.57
CA TRP A 49 -12.70 -14.00 10.29
C TRP A 49 -12.40 -12.66 9.63
N LYS A 50 -11.16 -12.21 9.78
CA LYS A 50 -10.71 -10.91 9.31
C LYS A 50 -10.83 -10.75 7.80
N LYS A 51 -10.56 -11.81 7.06
CA LYS A 51 -10.60 -11.76 5.61
C LYS A 51 -11.99 -11.37 5.13
N ASP A 52 -13.00 -11.90 5.81
CA ASP A 52 -14.38 -11.54 5.49
C ASP A 52 -14.62 -10.06 5.71
N ASN A 53 -14.05 -9.51 6.78
CA ASN A 53 -14.16 -8.08 7.06
C ASN A 53 -13.48 -7.25 5.97
N ILE A 54 -12.33 -7.73 5.53
CA ILE A 54 -11.63 -7.13 4.39
C ILE A 54 -12.42 -7.23 3.08
N VAL A 55 -12.90 -8.42 2.73
CA VAL A 55 -13.66 -8.61 1.50
C VAL A 55 -14.89 -7.71 1.50
N TYR A 56 -15.56 -7.61 2.64
CA TYR A 56 -16.72 -6.71 2.77
C TYR A 56 -16.34 -5.28 2.40
N SER A 57 -15.23 -4.81 2.96
CA SER A 57 -14.82 -3.44 2.68
C SER A 57 -14.37 -3.23 1.23
N LEU A 58 -13.72 -4.24 0.64
CA LEU A 58 -13.27 -4.12 -0.74
C LEU A 58 -14.48 -4.06 -1.69
N ASN A 59 -15.53 -4.80 -1.35
CA ASN A 59 -16.77 -4.70 -2.10
C ASN A 59 -17.47 -3.36 -1.85
N ALA A 60 -17.25 -2.77 -0.68
CA ALA A 60 -17.75 -1.41 -0.44
C ALA A 60 -17.04 -0.41 -1.37
N PHE A 61 -15.71 -0.47 -1.38
CA PHE A 61 -14.89 0.30 -2.31
C PHE A 61 -15.42 0.16 -3.75
N ILE A 62 -15.56 -1.07 -4.23
CA ILE A 62 -16.12 -1.29 -5.58
C ILE A 62 -17.52 -0.68 -5.78
N GLU A 63 -18.40 -0.80 -4.79
CA GLU A 63 -19.70 -0.13 -4.90
C GLU A 63 -19.53 1.39 -5.07
N ARG A 64 -18.67 2.02 -4.26
CA ARG A 64 -18.40 3.46 -4.39
C ARG A 64 -17.83 3.81 -5.76
N LYS A 65 -17.08 2.88 -6.34
CA LYS A 65 -16.38 3.14 -7.60
C LYS A 65 -17.13 2.57 -8.80
N ALA A 66 -18.38 2.15 -8.56
CA ALA A 66 -19.14 1.42 -9.58
C ALA A 66 -19.26 2.17 -10.91
N GLN A 67 -19.31 3.50 -10.87
CA GLN A 67 -19.52 4.25 -12.12
C GLN A 67 -18.30 4.13 -13.07
N GLU A 68 -17.14 3.80 -12.52
CA GLU A 68 -15.90 3.67 -13.29
C GLU A 68 -15.77 2.29 -13.94
N LEU A 69 -16.83 1.49 -13.83
CA LEU A 69 -16.85 0.13 -14.35
C LEU A 69 -17.10 0.14 -15.86
N PRO A 70 -16.18 -0.44 -16.65
CA PRO A 70 -16.30 -0.37 -18.11
C PRO A 70 -17.66 -0.87 -18.63
N SER A 71 -18.07 -0.39 -19.79
CA SER A 71 -19.42 -0.62 -20.32
C SER A 71 -19.75 -2.09 -20.62
N TYR A 72 -18.75 -2.87 -21.02
CA TYR A 72 -19.00 -4.27 -21.38
C TYR A 72 -19.28 -5.16 -20.16
N LEU A 73 -19.18 -4.57 -18.96
CA LEU A 73 -19.34 -5.32 -17.71
C LEU A 73 -20.61 -4.97 -16.96
N ASP A 74 -21.36 -5.99 -16.56
CA ASP A 74 -22.50 -5.76 -15.68
C ASP A 74 -22.09 -5.58 -14.21
N SER A 75 -21.24 -6.47 -13.69
CA SER A 75 -20.96 -6.44 -12.25
C SER A 75 -19.72 -7.23 -11.83
N ILE A 76 -19.07 -6.74 -10.79
CA ILE A 76 -17.87 -7.33 -10.25
C ILE A 76 -18.06 -7.50 -8.73
N LYS A 77 -17.53 -8.57 -8.18
CA LYS A 77 -17.75 -8.89 -6.78
C LYS A 77 -16.65 -9.82 -6.29
N ILE A 78 -15.98 -9.41 -5.22
CA ILE A 78 -14.92 -10.21 -4.62
C ILE A 78 -15.52 -11.35 -3.81
N THR A 79 -15.07 -12.58 -4.07
CA THR A 79 -15.64 -13.74 -3.39
C THR A 79 -14.63 -14.45 -2.49
N GLU A 80 -13.36 -14.41 -2.89
CA GLU A 80 -12.27 -15.02 -2.13
C GLU A 80 -11.07 -14.08 -2.13
N LEU A 81 -10.15 -14.27 -1.21
CA LEU A 81 -9.06 -13.32 -1.02
C LEU A 81 -7.85 -13.93 -0.27
N ASP A 82 -6.66 -13.84 -0.87
CA ASP A 82 -5.45 -14.37 -0.24
C ASP A 82 -4.54 -13.23 0.19
N ILE A 83 -4.07 -13.31 1.43
CA ILE A 83 -3.34 -12.22 2.09
C ILE A 83 -1.85 -12.59 2.13
N GLY A 84 -1.55 -13.80 1.67
CA GLY A 84 -0.17 -14.17 1.45
C GLY A 84 0.44 -14.90 2.63
N HIS A 85 1.67 -15.37 2.47
CA HIS A 85 2.37 -16.16 3.48
C HIS A 85 3.84 -15.75 3.64
N ASP A 86 4.21 -14.63 3.03
CA ASP A 86 5.59 -14.15 3.05
C ASP A 86 5.62 -12.72 3.58
N PHE A 87 6.81 -12.21 3.87
CA PHE A 87 6.95 -10.92 4.56
C PHE A 87 7.72 -9.89 3.75
N PRO A 88 7.43 -8.60 3.98
CA PRO A 88 8.13 -7.51 3.29
C PRO A 88 9.52 -7.26 3.87
N ILE A 89 10.54 -7.32 3.02
CA ILE A 89 11.89 -7.07 3.47
C ILE A 89 12.28 -5.61 3.26
N PHE A 90 12.55 -4.93 4.37
CA PHE A 90 13.12 -3.58 4.33
C PHE A 90 14.63 -3.68 4.43
N SER A 91 15.31 -2.77 3.74
CA SER A 91 16.76 -2.83 3.67
C SER A 91 17.34 -1.46 3.33
N ASN A 92 18.67 -1.36 3.39
CA ASN A 92 19.39 -0.24 2.80
C ASN A 92 18.83 1.10 3.27
N CYS A 93 18.99 1.40 4.56
CA CYS A 93 18.37 2.59 5.12
C CYS A 93 19.37 3.75 5.20
N ARG A 94 19.09 4.78 4.42
CA ARG A 94 19.97 5.93 4.30
C ARG A 94 19.29 7.16 4.89
N ILE A 95 20.02 7.99 5.62
CA ILE A 95 19.46 9.29 6.00
C ILE A 95 19.89 10.32 4.97
N GLN A 96 18.94 11.11 4.50
CA GLN A 96 19.26 12.17 3.56
C GLN A 96 18.48 13.45 3.86
N TYR A 97 19.03 14.56 3.37
CA TYR A 97 18.32 15.81 3.30
C TYR A 97 17.10 15.62 2.39
N SER A 98 15.90 15.82 2.94
CA SER A 98 14.67 15.63 2.16
C SER A 98 14.71 16.49 0.91
N PRO A 99 14.45 15.88 -0.27
CA PRO A 99 14.61 16.55 -1.56
C PRO A 99 13.34 17.24 -2.07
N ASN A 100 13.36 18.58 -2.06
CA ASN A 100 14.41 19.30 -1.37
C ASN A 100 13.84 20.44 -0.56
N SER A 101 14.22 20.44 0.72
CA SER A 101 13.72 21.39 1.69
C SER A 101 14.75 22.46 2.04
N ASN A 102 15.82 22.55 1.25
CA ASN A 102 16.92 23.45 1.57
C ASN A 102 17.56 23.11 2.92
N GLY A 103 17.59 21.82 3.23
CA GLY A 103 18.21 21.32 4.44
C GLY A 103 17.37 21.44 5.71
N ARG A 104 16.15 21.96 5.57
CA ARG A 104 15.25 22.15 6.71
C ARG A 104 14.82 20.83 7.37
N LYS A 105 14.53 19.84 6.52
CA LYS A 105 13.98 18.55 6.95
C LYS A 105 14.94 17.40 6.65
N LEU A 106 14.87 16.37 7.48
CA LEU A 106 15.67 15.16 7.31
C LEU A 106 14.73 14.00 7.12
N GLU A 107 15.02 13.13 6.16
CA GLU A 107 14.19 11.94 6.00
C GLU A 107 15.04 10.71 5.78
N ALA A 108 14.43 9.54 5.97
CA ALA A 108 15.09 8.26 5.71
C ALA A 108 14.59 7.64 4.40
N LYS A 109 15.52 7.19 3.56
CA LYS A 109 15.18 6.44 2.36
C LYS A 109 15.45 4.96 2.60
N ILE A 110 14.45 4.15 2.30
CA ILE A 110 14.45 2.73 2.64
C ILE A 110 14.06 1.89 1.44
N ASP A 111 14.74 0.77 1.22
CA ASP A 111 14.35 -0.16 0.16
C ASP A 111 13.33 -1.15 0.71
N ILE A 112 12.32 -1.49 -0.10
CA ILE A 112 11.33 -2.48 0.32
C ILE A 112 11.09 -3.48 -0.82
N ASP A 113 11.04 -4.77 -0.47
CA ASP A 113 10.86 -5.84 -1.46
C ASP A 113 9.97 -6.95 -0.88
N LEU A 114 8.83 -7.18 -1.52
CA LEU A 114 7.90 -8.21 -1.10
C LEU A 114 7.69 -9.26 -2.20
N ASN A 115 8.05 -10.50 -1.91
CA ASN A 115 7.81 -11.59 -2.83
C ASN A 115 6.80 -12.56 -2.25
N ASP A 116 5.56 -12.45 -2.72
CA ASP A 116 4.46 -13.26 -2.21
C ASP A 116 3.37 -13.41 -3.27
N ARG A 117 2.37 -14.25 -3.00
CA ARG A 117 1.16 -14.25 -3.80
C ARG A 117 0.03 -13.61 -3.00
N LEU A 118 -0.43 -12.45 -3.45
CA LEU A 118 -1.64 -11.85 -2.91
C LEU A 118 -2.71 -11.95 -3.99
N ALA A 119 -3.87 -12.52 -3.66
CA ALA A 119 -4.85 -12.77 -4.71
C ALA A 119 -6.27 -12.38 -4.33
N VAL A 120 -7.08 -12.06 -5.33
CA VAL A 120 -8.50 -11.85 -5.15
C VAL A 120 -9.29 -12.67 -6.17
N GLY A 121 -10.30 -13.39 -5.67
CA GLY A 121 -11.31 -14.01 -6.52
C GLY A 121 -12.42 -13.02 -6.85
N ILE A 122 -12.68 -12.83 -8.14
CA ILE A 122 -13.65 -11.85 -8.60
C ILE A 122 -14.73 -12.46 -9.47
N GLU A 123 -15.95 -12.55 -8.95
CA GLU A 123 -17.10 -13.04 -9.71
C GLU A 123 -17.56 -11.97 -10.69
N THR A 124 -17.58 -12.32 -11.97
CA THR A 124 -17.73 -11.32 -13.01
C THR A 124 -18.90 -11.62 -13.94
N ARG A 125 -19.68 -10.60 -14.25
CA ARG A 125 -20.76 -10.76 -15.22
C ARG A 125 -20.62 -9.72 -16.33
N LEU A 126 -20.94 -10.13 -17.55
CA LEU A 126 -20.89 -9.22 -18.69
C LEU A 126 -22.21 -8.49 -18.88
N LEU A 127 -22.15 -7.30 -19.48
CA LEU A 127 -23.36 -6.56 -19.84
C LEU A 127 -23.60 -6.76 -21.32
N LEU A 128 -24.61 -7.59 -21.64
CA LEU A 128 -24.89 -7.95 -23.01
C LEU A 128 -26.14 -7.25 -23.57
N ASN A 129 -26.34 -7.30 -24.89
CA ASN A 129 -27.55 -6.75 -25.51
C ASN A 129 -28.42 -7.80 -26.20
N TYR A 130 -28.21 -9.06 -25.88
CA TYR A 130 -29.05 -10.13 -26.42
C TYR A 130 -29.38 -11.15 -25.32
N PRO A 131 -30.64 -11.59 -25.25
CA PRO A 131 -31.75 -11.28 -26.17
C PRO A 131 -32.31 -9.88 -25.96
N LYS A 132 -32.34 -9.44 -24.71
CA LYS A 132 -32.82 -8.09 -24.39
C LYS A 132 -31.64 -7.16 -24.17
N PRO A 133 -31.85 -5.85 -24.28
CA PRO A 133 -30.79 -4.91 -23.90
C PRO A 133 -30.53 -4.99 -22.40
N LEU A 134 -29.28 -4.75 -22.00
CA LEU A 134 -28.90 -4.76 -20.58
C LEU A 134 -29.14 -6.11 -19.93
N THR A 135 -28.68 -7.18 -20.58
CA THR A 135 -28.67 -8.54 -20.03
C THR A 135 -27.37 -8.85 -19.30
N ALA A 136 -27.46 -9.28 -18.05
CA ALA A 136 -26.28 -9.74 -17.31
C ALA A 136 -25.96 -11.20 -17.65
N SER A 137 -24.79 -11.42 -18.25
CA SER A 137 -24.28 -12.75 -18.58
C SER A 137 -24.11 -13.65 -17.37
N LEU A 138 -23.81 -14.91 -17.64
CA LEU A 138 -23.50 -15.87 -16.59
C LEU A 138 -22.22 -15.41 -15.88
N PRO A 139 -22.12 -15.72 -14.59
CA PRO A 139 -20.95 -15.29 -13.83
C PRO A 139 -19.72 -16.13 -14.17
N ILE A 140 -18.55 -15.55 -13.96
CA ILE A 140 -17.29 -16.25 -14.14
C ILE A 140 -16.27 -15.69 -13.15
N ASN A 141 -15.66 -16.60 -12.40
CA ASN A 141 -14.73 -16.23 -11.34
C ASN A 141 -13.33 -16.08 -11.88
N VAL A 142 -12.76 -14.91 -11.70
CA VAL A 142 -11.41 -14.64 -12.17
C VAL A 142 -10.50 -14.37 -10.99
N THR A 143 -9.37 -15.06 -10.90
CA THR A 143 -8.42 -14.76 -9.84
C THR A 143 -7.33 -13.85 -10.38
N VAL A 144 -7.17 -12.72 -9.69
CA VAL A 144 -6.17 -11.71 -10.01
C VAL A 144 -5.15 -11.64 -8.89
N SER A 145 -3.86 -11.53 -9.24
CA SER A 145 -2.79 -11.65 -8.26
C SER A 145 -1.67 -10.62 -8.41
N ILE A 146 -1.09 -10.26 -7.27
CA ILE A 146 0.19 -9.56 -7.22
C ILE A 146 1.22 -10.55 -6.74
N ILE A 147 2.37 -10.60 -7.41
CA ILE A 147 3.39 -11.57 -7.07
C ILE A 147 4.76 -10.95 -6.69
N ARG A 148 4.89 -9.64 -6.90
CA ARG A 148 6.06 -8.91 -6.40
C ARG A 148 5.77 -7.42 -6.23
N PHE A 149 6.27 -6.85 -5.14
CA PHE A 149 6.17 -5.41 -4.93
C PHE A 149 7.52 -4.88 -4.48
N GLN A 150 8.19 -4.14 -5.35
CA GLN A 150 9.48 -3.58 -5.00
C GLN A 150 9.43 -2.06 -5.13
N ALA A 151 9.85 -1.36 -4.09
CA ALA A 151 9.73 0.09 -4.07
C ALA A 151 10.77 0.77 -3.17
N CYS A 152 10.82 2.09 -3.24
CA CYS A 152 11.64 2.89 -2.36
C CYS A 152 10.77 3.86 -1.56
N LEU A 153 11.01 3.90 -0.26
CA LEU A 153 10.09 4.51 0.70
C LEU A 153 10.81 5.57 1.53
N THR A 154 10.41 6.83 1.40
CA THR A 154 10.92 7.87 2.29
C THR A 154 9.99 8.00 3.49
N VAL A 155 10.59 8.05 4.68
CA VAL A 155 9.86 8.16 5.94
C VAL A 155 10.45 9.27 6.81
N SER A 156 9.59 9.87 7.62
CA SER A 156 10.04 10.84 8.63
C SER A 156 8.94 11.08 9.65
N LEU A 157 9.28 11.66 10.79
CA LEU A 157 8.26 11.99 11.80
C LEU A 157 8.23 13.52 12.00
N THR A 158 7.23 14.18 11.40
CA THR A 158 7.19 15.66 11.41
C THR A 158 5.95 16.20 12.13
N LYS A 159 5.78 17.51 12.13
CA LYS A 159 4.62 18.14 12.75
C LYS A 159 3.63 18.63 11.70
N ALA A 160 4.04 18.56 10.44
CA ALA A 160 3.21 19.03 9.35
C ALA A 160 3.18 20.56 9.31
N GLU A 161 2.19 21.09 8.59
CA GLU A 161 1.97 22.53 8.51
C GLU A 161 2.78 23.01 7.32
N GLU A 162 3.58 22.10 6.79
CA GLU A 162 4.28 22.31 5.55
C GLU A 162 3.62 21.47 4.46
N PHE A 163 2.57 20.74 4.84
CA PHE A 163 1.92 19.87 3.87
C PHE A 163 0.39 19.96 3.98
N VAL A 164 -0.27 20.09 2.83
CA VAL A 164 -1.72 20.31 2.80
C VAL A 164 -2.50 19.12 2.23
N PRO A 165 -3.54 18.72 2.97
CA PRO A 165 -4.42 17.62 2.57
C PRO A 165 -5.05 17.84 1.20
N THR A 166 -5.10 16.79 0.38
CA THR A 166 -5.68 16.87 -0.95
C THR A 166 -7.20 16.85 -0.88
N SER A 167 -7.76 15.67 -0.62
CA SER A 167 -9.20 15.50 -0.53
C SER A 167 -9.62 15.06 0.87
N PRO A 168 -10.60 15.74 1.44
CA PRO A 168 -11.09 15.42 2.78
C PRO A 168 -11.42 13.93 2.92
N ASN A 176 -4.31 19.84 10.69
CA ASN A 176 -4.33 19.06 11.91
C ASN A 176 -3.22 19.47 12.88
N ASP A 177 -3.41 19.15 14.16
CA ASP A 177 -2.44 19.49 15.18
C ASP A 177 -1.88 18.23 15.84
N GLY A 178 -0.55 18.16 15.92
CA GLY A 178 0.12 17.02 16.53
C GLY A 178 1.36 16.60 15.75
N TYR A 179 1.74 15.33 15.91
CA TYR A 179 2.92 14.80 15.22
C TYR A 179 2.60 13.55 14.39
N PHE A 180 3.16 13.48 13.18
CA PHE A 180 2.78 12.45 12.22
C PHE A 180 3.95 11.64 11.68
N LEU A 181 3.64 10.38 11.36
CA LEU A 181 4.46 9.57 10.49
C LEU A 181 4.14 9.95 9.05
N MET A 182 5.14 10.49 8.36
CA MET A 182 5.01 10.84 6.95
C MET A 182 5.75 9.80 6.12
N PHE A 183 5.04 9.12 5.22
CA PHE A 183 5.76 8.23 4.32
C PHE A 183 5.25 8.28 2.88
N SER A 184 6.09 7.82 1.96
CA SER A 184 5.76 7.91 0.54
C SER A 184 6.70 7.07 -0.31
N PHE A 185 6.22 6.68 -1.49
CA PHE A 185 6.99 5.86 -2.40
C PHE A 185 7.42 6.66 -3.63
N ALA A 186 8.64 6.44 -4.09
CA ALA A 186 9.10 7.01 -5.35
C ALA A 186 8.24 6.47 -6.49
N PRO A 187 8.08 7.26 -7.56
CA PRO A 187 7.11 6.87 -8.60
C PRO A 187 7.54 5.64 -9.39
N GLU A 188 8.83 5.29 -9.35
CA GLU A 188 9.37 4.14 -10.08
C GLU A 188 9.28 2.83 -9.29
N TYR A 189 8.06 2.38 -9.02
CA TYR A 189 7.86 1.14 -8.25
C TYR A 189 7.60 -0.05 -9.18
N ARG A 190 7.97 -1.24 -8.71
CA ARG A 190 7.67 -2.47 -9.42
C ARG A 190 6.49 -3.17 -8.73
N MET A 191 5.43 -3.44 -9.48
CA MET A 191 4.29 -4.21 -8.97
C MET A 191 3.81 -5.17 -10.05
N GLU A 192 4.17 -6.44 -9.90
CA GLU A 192 3.95 -7.44 -10.93
C GLU A 192 2.65 -8.19 -10.71
N PHE A 193 1.80 -8.22 -11.75
CA PHE A 193 0.51 -8.91 -11.66
C PHE A 193 0.49 -10.22 -12.43
N GLU A 194 -0.54 -11.02 -12.18
CA GLU A 194 -0.73 -12.33 -12.80
C GLU A 194 -2.22 -12.65 -12.79
N THR A 195 -2.74 -13.26 -13.84
CA THR A 195 -4.20 -13.39 -13.98
C THR A 195 -4.64 -14.72 -14.56
N GLN A 196 -5.74 -15.28 -14.02
CA GLN A 196 -6.23 -16.56 -14.54
C GLN A 196 -7.68 -16.85 -14.15
N SER A 197 -8.29 -17.81 -14.84
CA SER A 197 -9.62 -18.26 -14.50
C SER A 197 -9.57 -19.13 -13.25
N LEU A 198 -10.69 -19.24 -12.54
CA LEU A 198 -10.76 -20.13 -11.39
C LEU A 198 -10.86 -21.59 -11.83
N ILE A 199 -11.54 -21.83 -12.95
CA ILE A 199 -11.94 -23.19 -13.32
C ILE A 199 -10.90 -23.95 -14.17
N GLY A 200 -10.33 -23.32 -15.18
CA GLY A 200 -9.28 -23.95 -15.95
C GLY A 200 -9.71 -24.47 -17.31
N ALA A 201 -11.02 -24.68 -17.48
CA ALA A 201 -11.59 -24.96 -18.79
C ALA A 201 -12.11 -23.64 -19.35
N ARG A 202 -12.31 -22.70 -18.43
CA ARG A 202 -12.76 -21.37 -18.77
C ARG A 202 -11.59 -20.47 -19.15
N SER A 203 -10.39 -21.05 -19.21
CA SER A 203 -9.17 -20.25 -19.32
C SER A 203 -9.06 -19.44 -20.61
N LYS A 204 -9.71 -19.88 -21.68
CA LYS A 204 -9.58 -19.16 -22.96
C LYS A 204 -10.71 -18.14 -23.20
N LEU A 205 -11.40 -17.72 -22.15
CA LEU A 205 -12.46 -16.73 -22.31
C LEU A 205 -11.92 -15.33 -22.55
N GLU A 206 -12.57 -14.64 -23.48
CA GLU A 206 -12.20 -13.31 -23.97
C GLU A 206 -11.88 -12.25 -22.89
N ASN A 207 -12.75 -12.14 -21.88
CA ASN A 207 -12.67 -11.03 -20.93
C ASN A 207 -11.81 -11.29 -19.69
N ILE A 208 -11.02 -12.36 -19.67
CA ILE A 208 -10.23 -12.67 -18.47
C ILE A 208 -9.03 -11.72 -18.33
N PRO A 209 -8.26 -11.51 -19.41
CA PRO A 209 -7.23 -10.48 -19.29
C PRO A 209 -7.79 -9.07 -19.16
N LYS A 210 -8.97 -8.82 -19.74
CA LYS A 210 -9.60 -7.51 -19.63
C LYS A 210 -9.80 -7.19 -18.14
N ILE A 211 -10.31 -8.16 -17.40
CA ILE A 211 -10.50 -8.03 -15.96
C ILE A 211 -9.17 -7.85 -15.24
N GLY A 212 -8.21 -8.72 -15.56
CA GLY A 212 -6.89 -8.61 -14.97
C GLY A 212 -6.34 -7.19 -15.05
N SER A 213 -6.47 -6.60 -16.22
CA SER A 213 -5.86 -5.30 -16.48
C SER A 213 -6.67 -4.18 -15.86
N LEU A 214 -7.98 -4.36 -15.79
CA LEU A 214 -8.84 -3.44 -15.05
C LEU A 214 -8.35 -3.34 -13.61
N VAL A 215 -8.41 -4.47 -12.91
CA VAL A 215 -7.93 -4.54 -11.53
C VAL A 215 -6.52 -4.00 -11.33
N GLU A 216 -5.55 -4.42 -12.15
CA GLU A 216 -4.20 -3.86 -12.08
C GLU A 216 -4.25 -2.32 -12.15
N TYR A 217 -5.02 -1.80 -13.10
CA TYR A 217 -5.14 -0.36 -13.30
C TYR A 217 -5.63 0.33 -12.04
N GLN A 218 -6.72 -0.18 -11.50
CA GLN A 218 -7.40 0.45 -10.35
C GLN A 218 -6.51 0.42 -9.13
N ILE A 219 -5.83 -0.70 -8.94
CA ILE A 219 -5.00 -0.87 -7.77
C ILE A 219 -3.84 0.12 -7.84
N LYS A 220 -3.20 0.17 -9.01
CA LYS A 220 -2.12 1.12 -9.23
C LYS A 220 -2.61 2.57 -9.05
N LYS A 221 -3.85 2.82 -9.44
CA LYS A 221 -4.40 4.18 -9.38
C LYS A 221 -4.65 4.59 -7.94
N TRP A 222 -5.26 3.69 -7.17
CA TRP A 222 -5.47 3.86 -5.74
C TRP A 222 -4.13 4.18 -5.05
N PHE A 223 -3.16 3.32 -5.35
CA PHE A 223 -1.80 3.44 -4.83
C PHE A 223 -1.16 4.80 -5.14
N VAL A 224 -1.11 5.18 -6.41
CA VAL A 224 -0.51 6.44 -6.79
C VAL A 224 -1.24 7.64 -6.19
N GLU A 225 -2.56 7.57 -6.13
CA GLU A 225 -3.37 8.62 -5.53
C GLU A 225 -3.11 8.79 -4.05
N ARG A 226 -2.58 7.74 -3.39
CA ARG A 226 -2.39 7.83 -1.93
C ARG A 226 -0.95 7.87 -1.38
N CYS A 227 -0.01 7.18 -2.03
CA CYS A 227 1.30 6.97 -1.42
C CYS A 227 2.48 7.41 -2.27
N VAL A 228 2.23 7.68 -3.55
CA VAL A 228 3.34 7.95 -4.45
C VAL A 228 3.58 9.44 -4.59
N GLU A 229 4.84 9.83 -4.42
CA GLU A 229 5.28 11.22 -4.61
C GLU A 229 4.66 11.81 -5.88
N PRO A 230 4.24 13.09 -5.82
CA PRO A 230 4.40 14.01 -4.67
C PRO A 230 3.33 13.86 -3.57
N ARG A 231 2.73 12.69 -3.40
CA ARG A 231 1.72 12.50 -2.36
C ARG A 231 2.23 11.64 -1.21
N PHE A 232 1.93 12.08 0.01
CA PHE A 232 2.42 11.44 1.22
C PHE A 232 1.24 10.90 2.01
N GLN A 233 1.47 9.86 2.80
CA GLN A 233 0.53 9.51 3.87
C GLN A 233 1.03 10.19 5.14
N PHE A 234 0.09 10.85 5.83
CA PHE A 234 0.35 11.55 7.09
C PHE A 234 -0.47 10.92 8.20
N ILE A 235 0.18 10.13 9.05
CA ILE A 235 -0.55 9.32 10.04
C ILE A 235 -0.26 9.75 11.48
N LYS A 236 -1.29 10.25 12.16
CA LYS A 236 -1.11 10.88 13.48
C LYS A 236 -0.64 9.89 14.53
N LEU A 237 0.44 10.26 15.21
CA LEU A 237 1.08 9.40 16.20
C LEU A 237 0.55 9.72 17.60
N PRO A 238 0.60 8.72 18.48
CA PRO A 238 0.25 8.93 19.88
C PRO A 238 1.48 9.30 20.71
N SER A 239 1.29 9.88 21.90
CA SER A 239 2.42 10.07 22.78
C SER A 239 2.98 8.73 23.25
N VAL A 240 4.29 8.55 23.17
CA VAL A 240 4.95 7.44 23.84
C VAL A 240 5.41 7.81 25.25
N TRP A 241 4.94 8.94 25.76
CA TRP A 241 5.29 9.31 27.12
C TRP A 241 4.56 8.38 28.10
N PRO A 242 5.33 7.75 29.00
CA PRO A 242 4.85 6.83 30.05
C PRO A 242 3.72 7.41 30.88
N ARG A 243 2.53 6.84 30.72
CA ARG A 243 1.38 7.22 31.53
C ARG A 243 0.81 5.94 32.16
N SER A 244 0.27 6.05 33.37
CA SER A 244 -0.17 4.85 34.08
C SER A 244 -1.37 4.17 33.41
N LYS A 245 -2.24 4.93 32.74
CA LYS A 245 -3.35 4.30 32.01
C LYS A 245 -2.85 3.38 30.88
N ASN A 246 -1.57 3.47 30.54
CA ASN A 246 -1.00 2.58 29.53
C ASN A 246 -0.15 1.45 30.12
N THR A 247 -0.05 1.40 31.44
CA THR A 247 0.81 0.43 32.10
C THR A 247 0.12 -0.95 32.24
N ARG A 248 0.83 -2.01 31.83
CA ARG A 248 0.34 -3.39 31.99
C ARG A 248 1.45 -4.30 32.54
N GLU A 249 1.11 -5.53 32.93
CA GLU A 249 2.16 -6.49 33.32
C GLU A 249 1.80 -7.96 33.10
N GLY A 250 2.76 -8.83 33.40
CA GLY A 250 2.58 -10.27 33.25
C GLY A 250 3.79 -11.06 33.71
O13 3PH B . -1.20 9.43 33.92
P 3PH B . -0.08 9.77 34.87
O14 3PH B . 1.08 8.82 34.72
O12 3PH B . -0.61 9.68 36.30
O11 3PH B . 0.46 11.22 34.57
C1 3PH B . 1.42 11.76 35.49
C2 3PH B . 2.53 12.52 34.75
O21 3PH B . 3.61 12.68 35.64
C21 3PH B . 4.91 12.60 35.06
O22 3PH B . 5.05 12.26 33.87
C22 3PH B . 6.13 12.94 35.94
C23 3PH B . 7.46 12.73 35.19
C24 3PH B . 8.66 12.91 36.21
C25 3PH B . 9.89 13.43 35.47
C26 3PH B . 10.33 12.41 34.37
C27 3PH B . 11.86 12.17 34.45
C28 3PH B . 12.44 12.04 33.04
C29 3PH B . 13.38 10.84 32.96
C2A 3PH B . 14.08 10.85 31.58
C2B 3PH B . 14.26 9.38 31.08
C2C 3PH B . 12.85 8.66 31.12
C2D 3PH B . 12.71 7.74 29.91
C2E 3PH B . 11.19 7.40 29.76
C2F 3PH B . 10.97 6.91 28.35
C2G 3PH B . 10.30 8.02 27.51
C2H 3PH B . 10.21 7.53 26.07
C2I 3PH B . 10.00 6.02 26.04
C3 3PH B . 2.01 13.89 34.32
O31 3PH B . 3.05 14.62 33.69
C31 3PH B . 2.93 14.72 32.28
O32 3PH B . 2.46 13.82 31.65
C32 3PH B . 3.41 15.99 31.57
C33 3PH B . 3.67 15.75 30.07
C34 3PH B . 4.90 14.81 29.90
C35 3PH B . 6.23 15.60 29.76
C36 3PH B . 6.83 15.86 31.16
C37 3PH B . 8.35 15.57 31.17
C38 3PH B . 9.07 16.42 30.07
C39 3PH B . 10.31 15.65 29.52
C3A 3PH B . 11.09 15.00 30.68
C3B 3PH B . 12.51 15.62 30.75
C3C 3PH B . 12.51 16.88 31.63
C3D 3PH B . 11.63 16.63 32.87
C3E 3PH B . 12.49 16.07 34.03
C3F 3PH B . 13.65 17.03 34.32
C3G 3PH B . 14.62 16.38 35.31
C3H 3PH B . 14.39 16.95 36.72
C3I 3PH B . 15.42 16.35 37.68
O13 3PH C . 0.05 13.87 21.68
P 3PH C . 1.35 14.54 21.33
O14 3PH C . 1.82 15.39 22.49
O12 3PH C . 1.14 15.42 20.12
O11 3PH C . 2.45 13.44 21.01
C1 3PH C . 3.05 13.37 19.70
C2 3PH C . 4.56 13.10 19.78
O21 3PH C . 4.81 11.74 19.57
C21 3PH C . 6.16 11.33 19.28
O22 3PH C . 7.13 12.05 19.53
C22 3PH C . 6.39 9.95 18.64
C23 3PH C . 7.83 9.50 18.94
C24 3PH C . 8.21 8.33 17.95
C25 3PH C . 7.72 7.00 18.52
C26 3PH C . 7.42 6.01 17.36
C27 3PH C . 8.61 5.01 17.20
C28 3PH C . 8.31 4.04 16.07
C3 3PH C . 5.06 13.54 21.14
O31 3PH C . 5.13 12.44 22.04
C31 3PH C . 5.59 12.85 23.30
O32 3PH C . 5.12 13.82 23.86
C32 3PH C . 6.74 12.08 23.98
C33 3PH C . 7.81 13.10 24.39
C34 3PH C . 8.92 12.37 25.19
C35 3PH C . 9.35 11.08 24.45
C36 3PH C . 10.22 11.44 23.22
C37 3PH C . 11.48 10.54 23.25
C38 3PH C . 11.44 9.52 22.06
C39 3PH C . 11.37 8.06 22.59
C3A 3PH C . 10.81 7.16 21.47
C3B 3PH C . 11.15 5.66 21.74
C3C 3PH C . 10.14 5.04 22.71
C3D 3PH C . 10.26 3.52 22.68
C3E 3PH C . 10.06 3.04 21.22
C3F 3PH C . 11.11 1.96 20.89
C3G 3PH C . 11.94 2.41 19.66
C3H 3PH C . 11.72 1.46 18.45
C3I 3PH C . 10.29 1.61 17.91
#